data_8X5Y
#
_entry.id   8X5Y
#
_cell.length_a   1.00
_cell.length_b   1.00
_cell.length_c   1.00
_cell.angle_alpha   90.00
_cell.angle_beta   90.00
_cell.angle_gamma   90.00
#
_symmetry.space_group_name_H-M   'P 1'
#
loop_
_entity.id
_entity.type
_entity.pdbx_description
1 polymer 'Histamine H1 receptor,Soluble cytochrome b562'
2 non-polymer 1-[(4-fluorophenyl)methyl]-N-{1-[2-(4-methoxyphenyl)ethyl]piperidin-4-yl}-1H-benzimidazol-2-amine
#
_entity_poly.entity_id   1
_entity_poly.type   'polypeptide(L)'
_entity_poly.pdbx_seq_one_letter_code
;DYKDDDDKTTMASPQLMPLVVVLSTICLVTVGLNLLVLYAVRSERKLHTVGNLYIVSLSVADLIVGAVVMPMNILYLLMS
KWSLGRPLCLFWLSMDYVASTASIFSVFILCIDRYRSVQQPLRYLKYRTKTRASATILGAWFLSFLWVIPILGWNHFMQQ
TSVRREDKCETDFYDVTWFKVMTAIINFYLPTLLMLWFYAKIYKAVKRQLADLEDNWETLNDNLKVIEKADNAAQVKDAL
TKMRAAALDAQKASGSGSPEMKDFRHGFDILVGQIDDALKLANEGKVKEAQAAAEQLKTTRNAYIQKYLKFCNRERKAAK
QLGFIMAAFILCWIPYFIFFMVIAFCKNCCNEHLHMFTIWLGYINSTLNPLIYPLCNENFKKTFKRILKIAALKEKIAAL
KEKIAALKEAEEKRASRLEEELRRRLTEGSHHHHHHHH
;
_entity_poly.pdbx_strand_id   B
#
loop_
_chem_comp.id
_chem_comp.type
_chem_comp.name
_chem_comp.formula
XB7 non-polymer 1-[(4-fluorophenyl)methyl]-N-{1-[2-(4-methoxyphenyl)ethyl]piperidin-4-yl}-1H-benzimidazol-2-amine 'C28 H31 F N4 O'
#
# COMPACT_ATOMS: atom_id res chain seq x y z
N THR A 9 27.23 6.76 19.19
CA THR A 9 27.12 6.85 17.74
C THR A 9 25.68 6.73 17.28
N THR A 10 24.76 7.33 18.06
CA THR A 10 23.32 7.26 17.81
C THR A 10 22.86 5.82 17.66
N MET A 11 23.33 4.96 18.56
CA MET A 11 23.01 3.55 18.53
C MET A 11 21.63 3.31 19.16
N ALA A 12 21.30 2.05 19.39
CA ALA A 12 20.09 1.67 20.11
C ALA A 12 20.45 0.74 21.26
N SER A 13 19.67 0.84 22.34
CA SER A 13 19.97 0.06 23.52
C SER A 13 19.84 -1.44 23.21
N PRO A 14 20.66 -2.28 23.85
CA PRO A 14 20.67 -3.71 23.50
C PRO A 14 19.31 -4.40 23.60
N GLN A 15 18.30 -3.77 24.16
CA GLN A 15 16.96 -4.35 24.21
C GLN A 15 16.11 -4.00 23.01
N LEU A 16 16.62 -3.19 22.08
CA LEU A 16 15.91 -2.85 20.86
C LEU A 16 16.41 -3.66 19.66
N MET A 17 17.31 -4.61 19.88
CA MET A 17 17.80 -5.46 18.81
C MET A 17 16.84 -6.62 18.52
N PRO A 18 16.35 -7.37 19.54
CA PRO A 18 15.50 -8.53 19.24
C PRO A 18 14.22 -8.26 18.47
N LEU A 19 13.94 -7.01 18.10
CA LEU A 19 12.88 -6.75 17.14
C LEU A 19 13.39 -6.26 15.79
N VAL A 20 14.54 -5.57 15.74
CA VAL A 20 15.08 -5.23 14.43
C VAL A 20 15.60 -6.48 13.73
N VAL A 21 16.08 -7.47 14.49
CA VAL A 21 16.58 -8.69 13.88
C VAL A 21 15.48 -9.46 13.16
N VAL A 22 14.22 -9.22 13.50
CA VAL A 22 13.12 -9.82 12.75
C VAL A 22 12.49 -8.82 11.77
N LEU A 23 12.61 -7.52 12.01
CA LEU A 23 12.18 -6.56 11.00
C LEU A 23 12.99 -6.74 9.72
N SER A 24 14.27 -7.07 9.85
CA SER A 24 15.07 -7.36 8.66
C SER A 24 14.54 -8.59 7.93
N THR A 25 14.10 -9.61 8.67
CA THR A 25 13.51 -10.79 8.04
C THR A 25 12.22 -10.43 7.30
N ILE A 26 11.39 -9.58 7.90
CA ILE A 26 10.18 -9.12 7.22
C ILE A 26 10.54 -8.36 5.95
N CYS A 27 11.55 -7.51 6.01
CA CYS A 27 11.99 -6.77 4.84
C CYS A 27 12.46 -7.70 3.73
N LEU A 28 13.25 -8.72 4.08
CA LEU A 28 13.72 -9.65 3.06
C LEU A 28 12.61 -10.53 2.52
N VAL A 29 11.62 -10.88 3.34
CA VAL A 29 10.53 -11.72 2.88
C VAL A 29 9.57 -10.96 1.98
N THR A 30 9.35 -9.66 2.22
CA THR A 30 8.50 -8.87 1.34
C THR A 30 9.06 -8.85 -0.08
N VAL A 31 10.36 -8.59 -0.23
CA VAL A 31 10.97 -8.57 -1.56
C VAL A 31 11.32 -9.95 -2.08
N GLY A 32 11.23 -10.99 -1.25
CA GLY A 32 11.38 -12.34 -1.75
C GLY A 32 10.07 -12.91 -2.25
N LEU A 33 8.95 -12.36 -1.77
CA LEU A 33 7.64 -12.81 -2.21
C LEU A 33 7.10 -11.97 -3.36
N ASN A 34 7.24 -10.65 -3.30
CA ASN A 34 6.76 -9.82 -4.41
C ASN A 34 7.56 -10.08 -5.67
N LEU A 35 8.88 -10.25 -5.54
CA LEU A 35 9.69 -10.60 -6.70
C LEU A 35 9.30 -11.98 -7.24
N LEU A 36 8.95 -12.91 -6.35
CA LEU A 36 8.49 -14.21 -6.80
C LEU A 36 7.19 -14.10 -7.59
N VAL A 37 6.26 -13.28 -7.12
CA VAL A 37 5.01 -13.07 -7.84
C VAL A 37 5.28 -12.44 -9.21
N LEU A 38 6.14 -11.42 -9.23
CA LEU A 38 6.44 -10.74 -10.49
C LEU A 38 7.11 -11.68 -11.49
N TYR A 39 8.04 -12.51 -11.01
CA TYR A 39 8.67 -13.48 -11.92
C TYR A 39 7.70 -14.57 -12.34
N ALA A 40 6.72 -14.90 -11.48
CA ALA A 40 5.69 -15.85 -11.88
C ALA A 40 4.87 -15.29 -13.03
N VAL A 41 4.52 -14.01 -12.97
CA VAL A 41 3.74 -13.41 -14.05
C VAL A 41 4.52 -13.38 -15.35
N ARG A 42 5.79 -12.98 -15.30
CA ARG A 42 6.63 -12.88 -16.49
C ARG A 42 7.30 -14.20 -16.86
N SER A 43 6.80 -15.33 -16.36
CA SER A 43 7.31 -16.63 -16.74
C SER A 43 6.25 -17.58 -17.27
N GLU A 44 4.98 -17.18 -17.28
CA GLU A 44 3.92 -18.06 -17.72
C GLU A 44 2.90 -17.24 -18.51
N ARG A 45 2.44 -17.80 -19.64
CA ARG A 45 1.49 -17.09 -20.50
C ARG A 45 0.08 -17.08 -19.94
N LYS A 46 -0.28 -18.07 -19.11
CA LYS A 46 -1.64 -18.15 -18.59
C LYS A 46 -1.98 -16.99 -17.66
N LEU A 47 -0.97 -16.26 -17.17
CA LEU A 47 -1.19 -15.22 -16.18
C LEU A 47 -1.20 -13.81 -16.77
N HIS A 48 -1.24 -13.68 -18.08
CA HIS A 48 -1.37 -12.36 -18.72
C HIS A 48 -2.85 -12.03 -18.98
N THR A 49 -3.64 -12.11 -17.90
CA THR A 49 -5.05 -11.74 -17.98
C THR A 49 -5.17 -10.24 -17.71
N VAL A 50 -6.41 -9.76 -17.54
CA VAL A 50 -6.63 -8.33 -17.31
C VAL A 50 -6.43 -7.98 -15.85
N GLY A 51 -7.06 -8.74 -14.95
CA GLY A 51 -6.89 -8.50 -13.52
C GLY A 51 -5.49 -8.77 -13.03
N ASN A 52 -4.74 -9.63 -13.71
CA ASN A 52 -3.36 -9.84 -13.34
C ASN A 52 -2.49 -8.62 -13.61
N LEU A 53 -2.92 -7.72 -14.51
CA LEU A 53 -2.21 -6.45 -14.64
C LEU A 53 -2.32 -5.63 -13.36
N TYR A 54 -3.51 -5.56 -12.78
CA TYR A 54 -3.67 -4.86 -11.50
C TYR A 54 -2.94 -5.59 -10.38
N ILE A 55 -2.93 -6.93 -10.43
CA ILE A 55 -2.16 -7.69 -9.44
C ILE A 55 -0.67 -7.37 -9.56
N VAL A 56 -0.16 -7.25 -10.79
CA VAL A 56 1.23 -6.89 -10.99
C VAL A 56 1.51 -5.47 -10.49
N SER A 57 0.59 -4.54 -10.74
CA SER A 57 0.76 -3.20 -10.22
C SER A 57 0.82 -3.21 -8.69
N LEU A 58 -0.05 -3.98 -8.06
CA LEU A 58 -0.03 -4.10 -6.60
C LEU A 58 1.28 -4.71 -6.11
N SER A 59 1.76 -5.75 -6.81
CA SER A 59 3.02 -6.39 -6.42
C SER A 59 4.19 -5.43 -6.58
N VAL A 60 4.17 -4.59 -7.62
CA VAL A 60 5.24 -3.60 -7.78
C VAL A 60 5.19 -2.56 -6.68
N ALA A 61 3.98 -2.08 -6.34
CA ALA A 61 3.89 -1.13 -5.23
C ALA A 61 4.35 -1.75 -3.92
N ASP A 62 4.07 -3.03 -3.71
CA ASP A 62 4.55 -3.69 -2.50
C ASP A 62 6.05 -3.96 -2.55
N LEU A 63 6.60 -4.20 -3.74
CA LEU A 63 8.05 -4.33 -3.85
C LEU A 63 8.74 -3.01 -3.53
N ILE A 64 8.17 -1.89 -3.98
CA ILE A 64 8.78 -0.60 -3.63
C ILE A 64 8.65 -0.34 -2.13
N VAL A 65 7.48 -0.63 -1.54
CA VAL A 65 7.31 -0.39 -0.11
C VAL A 65 7.94 -1.48 0.73
N GLY A 66 8.56 -2.48 0.10
CA GLY A 66 9.33 -3.48 0.81
C GLY A 66 10.82 -3.37 0.61
N ALA A 67 11.25 -2.65 -0.43
CA ALA A 67 12.66 -2.53 -0.74
C ALA A 67 13.25 -1.15 -0.55
N VAL A 68 12.43 -0.09 -0.59
CA VAL A 68 12.94 1.28 -0.47
C VAL A 68 12.68 1.85 0.91
N VAL A 69 11.47 1.66 1.44
CA VAL A 69 11.14 2.22 2.74
C VAL A 69 11.47 1.27 3.88
N MET A 70 11.35 -0.04 3.68
CA MET A 70 11.63 -1.00 4.75
C MET A 70 13.06 -0.91 5.27
N PRO A 71 14.11 -0.98 4.43
CA PRO A 71 15.46 -0.86 5.00
C PRO A 71 15.75 0.52 5.56
N MET A 72 15.25 1.56 4.90
CA MET A 72 15.46 2.91 5.42
C MET A 72 14.73 3.11 6.75
N ASN A 73 13.50 2.60 6.86
CA ASN A 73 12.78 2.70 8.11
C ASN A 73 13.45 1.89 9.21
N ILE A 74 13.98 0.72 8.86
CA ILE A 74 14.69 -0.09 9.86
C ILE A 74 15.94 0.61 10.34
N LEU A 75 16.71 1.20 9.42
CA LEU A 75 17.91 1.92 9.81
C LEU A 75 17.56 3.15 10.65
N TYR A 76 16.47 3.83 10.31
CA TYR A 76 16.03 4.98 11.09
C TYR A 76 15.57 4.55 12.48
N LEU A 77 14.93 3.38 12.60
CA LEU A 77 14.56 2.86 13.90
C LEU A 77 15.79 2.55 14.74
N LEU A 78 16.75 1.82 14.16
CA LEU A 78 17.95 1.43 14.91
C LEU A 78 18.77 2.65 15.30
N MET A 79 18.91 3.61 14.38
CA MET A 79 19.68 4.83 14.60
C MET A 79 18.69 5.98 14.68
N SER A 80 18.37 6.41 15.90
CA SER A 80 17.30 7.38 16.11
C SER A 80 17.72 8.79 15.69
N LYS A 81 17.96 8.97 14.39
CA LYS A 81 18.35 10.25 13.80
C LYS A 81 18.41 10.06 12.29
N TRP A 82 18.23 11.16 11.55
CA TRP A 82 18.37 11.13 10.11
C TRP A 82 19.15 12.36 9.62
N SER A 83 20.32 12.59 10.21
CA SER A 83 21.28 13.50 9.59
C SER A 83 22.07 12.72 8.54
N LEU A 84 21.36 12.03 7.64
CA LEU A 84 21.92 11.10 6.69
C LEU A 84 21.62 11.52 5.26
N GLY A 85 21.66 12.82 5.00
CA GLY A 85 21.37 13.33 3.67
C GLY A 85 19.95 13.84 3.55
N ARG A 86 19.78 15.15 3.41
CA ARG A 86 18.45 15.73 3.24
C ARG A 86 17.76 15.23 1.97
N PRO A 87 18.39 15.24 0.78
CA PRO A 87 17.71 14.68 -0.39
C PRO A 87 17.38 13.22 -0.24
N LEU A 88 18.20 12.46 0.49
CA LEU A 88 17.88 11.05 0.72
C LEU A 88 16.63 10.88 1.56
N CYS A 89 16.45 11.72 2.59
CA CYS A 89 15.22 11.66 3.37
C CYS A 89 14.03 12.09 2.53
N LEU A 90 14.22 13.09 1.67
CA LEU A 90 13.14 13.47 0.75
C LEU A 90 12.76 12.32 -0.18
N PHE A 91 13.75 11.60 -0.69
CA PHE A 91 13.48 10.44 -1.54
C PHE A 91 12.79 9.35 -0.76
N TRP A 92 13.18 9.13 0.50
CA TRP A 92 12.51 8.13 1.33
C TRP A 92 11.05 8.49 1.55
N LEU A 93 10.75 9.76 1.84
CA LEU A 93 9.37 10.18 2.00
C LEU A 93 8.59 10.05 0.68
N SER A 94 9.21 10.45 -0.43
CA SER A 94 8.56 10.41 -1.73
C SER A 94 8.41 8.99 -2.27
N MET A 95 9.12 8.02 -1.71
CA MET A 95 8.92 6.62 -2.07
C MET A 95 8.15 5.85 -1.01
N ASP A 96 7.89 6.45 0.15
CA ASP A 96 7.00 5.87 1.15
C ASP A 96 5.56 6.28 0.89
N TYR A 97 5.30 7.59 0.85
CA TYR A 97 3.93 8.07 0.63
C TYR A 97 3.39 7.62 -0.72
N VAL A 98 4.20 7.75 -1.77
CA VAL A 98 3.74 7.39 -3.11
C VAL A 98 3.47 5.90 -3.21
N ALA A 99 4.35 5.06 -2.65
CA ALA A 99 4.10 3.62 -2.70
C ALA A 99 2.86 3.23 -1.91
N SER A 100 2.71 3.81 -0.70
CA SER A 100 1.58 3.45 0.14
C SER A 100 0.25 3.91 -0.46
N THR A 101 0.24 5.03 -1.17
CA THR A 101 -1.00 5.45 -1.81
C THR A 101 -1.21 4.77 -3.15
N ALA A 102 -0.13 4.36 -3.83
CA ALA A 102 -0.28 3.63 -5.08
C ALA A 102 -0.82 2.23 -4.85
N SER A 103 -0.48 1.61 -3.72
CA SER A 103 -1.06 0.31 -3.38
C SER A 103 -2.58 0.43 -3.26
N ILE A 104 -3.07 1.42 -2.48
CA ILE A 104 -4.52 1.72 -2.30
C ILE A 104 -5.19 2.29 -3.46
N PHE A 105 -4.50 2.79 -4.45
CA PHE A 105 -5.14 3.19 -5.71
C PHE A 105 -5.19 2.03 -6.70
N SER A 106 -4.17 1.16 -6.70
CA SER A 106 -4.24 -0.04 -7.51
C SER A 106 -5.35 -0.97 -7.04
N VAL A 107 -5.52 -1.10 -5.72
CA VAL A 107 -6.64 -1.89 -5.20
C VAL A 107 -7.97 -1.26 -5.59
N PHE A 108 -8.04 0.08 -5.55
CA PHE A 108 -9.26 0.76 -5.96
C PHE A 108 -9.57 0.51 -7.44
N ILE A 109 -8.55 0.56 -8.30
CA ILE A 109 -8.76 0.31 -9.72
C ILE A 109 -9.22 -1.12 -9.94
N LEU A 110 -8.60 -2.08 -9.25
CA LEU A 110 -9.02 -3.47 -9.37
C LEU A 110 -10.45 -3.66 -8.91
N CYS A 111 -10.82 -3.01 -7.81
CA CYS A 111 -12.18 -3.13 -7.28
C CYS A 111 -13.19 -2.52 -8.24
N ILE A 112 -12.87 -1.37 -8.84
CA ILE A 112 -13.77 -0.77 -9.83
C ILE A 112 -13.91 -1.69 -11.04
N ASP A 113 -12.80 -2.28 -11.49
CA ASP A 113 -12.86 -3.17 -12.64
C ASP A 113 -13.75 -4.38 -12.35
N ARG A 114 -13.58 -4.99 -11.17
CA ARG A 114 -14.39 -6.16 -10.85
C ARG A 114 -15.85 -5.79 -10.63
N TYR A 115 -16.11 -4.63 -10.02
CA TYR A 115 -17.50 -4.21 -9.84
C TYR A 115 -18.17 -3.92 -11.18
N ARG A 116 -17.43 -3.34 -12.13
CA ARG A 116 -17.99 -3.13 -13.45
C ARG A 116 -18.24 -4.46 -14.16
N SER A 117 -17.33 -5.44 -13.96
CA SER A 117 -17.54 -6.75 -14.57
C SER A 117 -18.76 -7.45 -14.00
N VAL A 118 -18.95 -7.39 -12.67
CA VAL A 118 -20.07 -8.05 -12.02
C VAL A 118 -21.36 -7.23 -12.15
N GLN A 119 -21.26 -5.97 -12.58
CA GLN A 119 -22.43 -5.16 -12.89
C GLN A 119 -23.35 -5.91 -13.85
N GLN A 120 -22.86 -6.15 -15.06
CA GLN A 120 -23.46 -7.10 -15.99
C GLN A 120 -22.36 -7.53 -16.95
N PRO A 121 -21.99 -8.80 -16.97
CA PRO A 121 -20.90 -9.23 -17.85
C PRO A 121 -21.34 -9.34 -19.30
N LEU A 122 -22.11 -8.35 -19.75
CA LEU A 122 -22.49 -8.19 -21.15
C LEU A 122 -22.35 -6.76 -21.63
N ARG A 123 -22.12 -5.80 -20.73
CA ARG A 123 -22.00 -4.40 -21.11
C ARG A 123 -20.60 -3.83 -20.89
N TYR A 124 -19.81 -4.40 -19.99
CA TYR A 124 -18.42 -4.02 -19.81
C TYR A 124 -17.57 -5.17 -20.35
N LEU A 125 -17.39 -5.18 -21.67
CA LEU A 125 -16.52 -6.16 -22.32
C LEU A 125 -15.67 -5.46 -23.36
N LYS A 126 -16.15 -4.36 -23.90
CA LYS A 126 -15.40 -3.57 -24.88
C LYS A 126 -14.47 -2.58 -24.21
N TYR A 127 -14.47 -2.49 -22.89
CA TYR A 127 -13.57 -1.63 -22.15
C TYR A 127 -12.62 -2.43 -21.25
N ARG A 128 -12.29 -3.66 -21.66
CA ARG A 128 -11.41 -4.52 -20.87
C ARG A 128 -10.20 -4.98 -21.66
N THR A 129 -9.83 -4.28 -22.72
CA THR A 129 -8.59 -4.58 -23.42
C THR A 129 -7.40 -4.26 -22.51
N LYS A 130 -6.34 -5.07 -22.62
CA LYS A 130 -5.20 -4.88 -21.72
C LYS A 130 -4.55 -3.51 -21.89
N THR A 131 -4.69 -2.89 -23.06
CA THR A 131 -4.17 -1.54 -23.24
C THR A 131 -4.85 -0.57 -22.29
N ARG A 132 -6.16 -0.72 -22.09
CA ARG A 132 -6.88 0.17 -21.18
C ARG A 132 -6.57 -0.14 -19.72
N ALA A 133 -6.34 -1.42 -19.39
CA ALA A 133 -5.91 -1.75 -18.04
C ALA A 133 -4.55 -1.12 -17.73
N SER A 134 -3.62 -1.20 -18.68
CA SER A 134 -2.32 -0.56 -18.49
C SER A 134 -2.46 0.96 -18.40
N ALA A 135 -3.36 1.54 -19.21
CA ALA A 135 -3.58 2.98 -19.13
C ALA A 135 -4.12 3.39 -17.77
N THR A 136 -5.08 2.64 -17.24
CA THR A 136 -5.62 2.96 -15.91
C THR A 136 -4.57 2.78 -14.83
N ILE A 137 -3.73 1.75 -14.94
CA ILE A 137 -2.66 1.56 -13.96
C ILE A 137 -1.68 2.74 -14.00
N LEU A 138 -1.32 3.19 -15.21
CA LEU A 138 -0.42 4.33 -15.33
C LEU A 138 -1.07 5.60 -14.77
N GLY A 139 -2.38 5.77 -14.99
CA GLY A 139 -3.06 6.91 -14.42
C GLY A 139 -3.07 6.89 -12.90
N ALA A 140 -3.33 5.71 -12.32
CA ALA A 140 -3.29 5.59 -10.86
C ALA A 140 -1.89 5.88 -10.33
N TRP A 141 -0.86 5.39 -11.01
CA TRP A 141 0.50 5.66 -10.58
C TRP A 141 0.85 7.14 -10.72
N PHE A 142 0.32 7.81 -11.73
CA PHE A 142 0.52 9.27 -11.85
C PHE A 142 -0.14 10.00 -10.70
N LEU A 143 -1.38 9.63 -10.36
CA LEU A 143 -2.04 10.24 -9.21
C LEU A 143 -1.28 9.96 -7.92
N SER A 144 -0.64 8.79 -7.83
CA SER A 144 0.18 8.50 -6.65
C SER A 144 1.43 9.36 -6.62
N PHE A 145 2.15 9.44 -7.73
CA PHE A 145 3.37 10.25 -7.82
C PHE A 145 3.09 11.74 -7.72
N LEU A 146 1.83 12.14 -7.80
CA LEU A 146 1.49 13.53 -7.50
C LEU A 146 1.86 13.91 -6.07
N TRP A 147 2.08 12.93 -5.20
CA TRP A 147 2.49 13.19 -3.82
C TRP A 147 3.85 13.85 -3.72
N VAL A 148 4.64 13.87 -4.80
CA VAL A 148 5.96 14.50 -4.76
C VAL A 148 5.82 16.00 -4.55
N ILE A 149 4.79 16.62 -5.14
CA ILE A 149 4.68 18.08 -5.11
C ILE A 149 4.58 18.64 -3.70
N PRO A 150 3.68 18.17 -2.82
CA PRO A 150 3.61 18.78 -1.49
C PRO A 150 4.88 18.56 -0.66
N ILE A 151 5.41 17.33 -0.65
CA ILE A 151 6.57 17.02 0.18
C ILE A 151 7.76 17.88 -0.22
N LEU A 152 8.01 18.02 -1.52
CA LEU A 152 9.17 18.75 -2.00
C LEU A 152 8.91 20.24 -2.20
N GLY A 153 7.68 20.71 -2.04
CA GLY A 153 7.40 22.11 -2.29
C GLY A 153 6.52 22.79 -1.27
N TRP A 154 6.39 22.23 -0.07
CA TRP A 154 5.62 22.92 0.95
C TRP A 154 6.31 24.19 1.42
N ASN A 155 7.65 24.22 1.44
CA ASN A 155 8.34 25.45 1.77
C ASN A 155 8.24 26.49 0.67
N HIS A 156 7.78 26.10 -0.52
CA HIS A 156 7.61 27.02 -1.64
C HIS A 156 6.17 27.52 -1.77
N PHE A 157 5.19 26.64 -1.55
CA PHE A 157 3.79 27.03 -1.70
C PHE A 157 3.31 27.85 -0.51
N MET A 158 3.25 27.23 0.67
CA MET A 158 2.87 27.93 1.88
C MET A 158 4.09 28.63 2.46
N GLN A 159 3.96 29.93 2.72
CA GLN A 159 5.11 30.74 3.11
C GLN A 159 5.55 30.33 4.50
N GLN A 160 6.24 29.20 4.57
CA GLN A 160 6.70 28.65 5.83
C GLN A 160 8.23 28.57 5.87
N VAL A 163 12.54 21.59 6.91
CA VAL A 163 12.23 20.99 8.20
C VAL A 163 12.84 21.81 9.33
N ARG A 164 14.13 22.11 9.19
CA ARG A 164 14.90 22.83 10.20
C ARG A 164 14.83 22.12 11.56
N ARG A 165 14.86 20.79 11.51
CA ARG A 165 14.82 19.96 12.72
C ARG A 165 15.68 18.73 12.45
N GLU A 166 16.95 18.81 12.85
CA GLU A 166 17.91 17.76 12.50
C GLU A 166 17.88 16.57 13.45
N ASP A 167 17.14 16.64 14.55
CA ASP A 167 16.99 15.48 15.40
C ASP A 167 16.19 14.38 14.73
N LYS A 168 15.36 14.73 13.75
CA LYS A 168 14.63 13.75 12.93
C LYS A 168 14.05 14.45 11.72
N CYS A 169 14.25 13.91 10.51
CA CYS A 169 13.66 14.52 9.33
C CYS A 169 12.24 14.03 9.17
N GLU A 170 11.36 14.93 8.75
CA GLU A 170 9.94 14.63 8.66
C GLU A 170 9.34 15.43 7.52
N THR A 171 8.15 15.01 7.09
CA THR A 171 7.47 15.72 6.03
C THR A 171 7.16 17.15 6.45
N ASP A 172 7.24 18.07 5.49
CA ASP A 172 7.15 19.50 5.80
C ASP A 172 5.80 19.93 6.33
N PHE A 173 4.76 19.09 6.21
CA PHE A 173 3.43 19.43 6.68
C PHE A 173 3.01 18.59 7.89
N TYR A 174 3.99 18.12 8.67
CA TYR A 174 3.66 17.37 9.87
C TYR A 174 2.99 18.25 10.92
N ASP A 175 3.35 19.53 10.97
CA ASP A 175 2.77 20.47 11.91
C ASP A 175 1.57 21.20 11.35
N VAL A 176 1.10 20.82 10.16
CA VAL A 176 -0.08 21.41 9.55
C VAL A 176 -1.23 20.43 9.78
N THR A 177 -2.04 20.69 10.81
CA THR A 177 -3.10 19.75 11.17
C THR A 177 -4.18 19.68 10.10
N TRP A 178 -4.57 20.82 9.52
CA TRP A 178 -5.67 20.82 8.57
C TRP A 178 -5.32 20.03 7.32
N PHE A 179 -4.13 20.24 6.77
CA PHE A 179 -3.74 19.46 5.60
C PHE A 179 -3.58 17.99 5.93
N LYS A 180 -3.02 17.68 7.10
CA LYS A 180 -2.86 16.28 7.50
C LYS A 180 -4.20 15.57 7.57
N VAL A 181 -5.17 16.17 8.27
CA VAL A 181 -6.46 15.52 8.43
C VAL A 181 -7.21 15.46 7.11
N MET A 182 -7.11 16.52 6.29
CA MET A 182 -7.81 16.51 5.01
C MET A 182 -7.26 15.46 4.07
N THR A 183 -5.93 15.36 3.96
CA THR A 183 -5.35 14.38 3.06
C THR A 183 -5.56 12.97 3.59
N ALA A 184 -5.55 12.78 4.92
CA ALA A 184 -5.89 11.47 5.46
C ALA A 184 -7.31 11.09 5.11
N ILE A 185 -8.27 11.99 5.36
CA ILE A 185 -9.67 11.72 5.08
C ILE A 185 -9.85 11.32 3.62
N ILE A 186 -9.36 12.16 2.70
CA ILE A 186 -9.51 11.84 1.29
C ILE A 186 -8.85 10.51 0.97
N ASN A 187 -7.52 10.45 1.13
CA ASN A 187 -6.72 9.37 0.58
C ASN A 187 -7.12 8.02 1.16
N PHE A 188 -7.39 7.94 2.47
CA PHE A 188 -7.86 6.66 2.98
C PHE A 188 -9.36 6.49 2.80
N TYR A 189 -10.15 7.36 3.42
CA TYR A 189 -11.58 7.09 3.55
C TYR A 189 -12.27 6.98 2.19
N LEU A 190 -12.05 7.95 1.29
CA LEU A 190 -12.85 7.92 0.06
C LEU A 190 -12.55 6.68 -0.79
N PRO A 191 -11.28 6.31 -1.06
CA PRO A 191 -11.06 4.97 -1.64
C PRO A 191 -11.61 3.85 -0.78
N THR A 192 -11.49 3.94 0.55
CA THR A 192 -11.98 2.86 1.40
C THR A 192 -13.50 2.75 1.31
N LEU A 193 -14.21 3.87 1.42
CA LEU A 193 -15.67 3.83 1.36
C LEU A 193 -16.15 3.37 -0.02
N LEU A 194 -15.54 3.89 -1.09
CA LEU A 194 -15.94 3.48 -2.43
C LEU A 194 -15.66 1.99 -2.64
N MET A 195 -14.51 1.51 -2.19
CA MET A 195 -14.18 0.11 -2.33
C MET A 195 -15.14 -0.77 -1.56
N LEU A 196 -15.49 -0.37 -0.34
CA LEU A 196 -16.45 -1.16 0.44
C LEU A 196 -17.81 -1.21 -0.24
N TRP A 197 -18.25 -0.09 -0.80
CA TRP A 197 -19.52 -0.06 -1.52
C TRP A 197 -19.48 -1.01 -2.71
N PHE A 198 -18.40 -0.94 -3.50
CA PHE A 198 -18.29 -1.81 -4.67
C PHE A 198 -18.21 -3.28 -4.26
N TYR A 199 -17.49 -3.58 -3.18
CA TYR A 199 -17.34 -4.97 -2.74
C TYR A 199 -18.66 -5.53 -2.24
N ALA A 200 -19.44 -4.74 -1.51
CA ALA A 200 -20.76 -5.20 -1.10
C ALA A 200 -21.65 -5.44 -2.31
N LYS A 201 -21.61 -4.53 -3.29
CA LYS A 201 -22.41 -4.71 -4.50
C LYS A 201 -21.99 -5.96 -5.27
N ILE A 202 -20.69 -6.29 -5.28
CA ILE A 202 -20.24 -7.51 -5.91
C ILE A 202 -20.72 -8.73 -5.13
N TYR A 203 -20.52 -8.72 -3.81
CA TYR A 203 -20.76 -9.89 -2.99
C TYR A 203 -22.24 -10.26 -2.98
N LYS A 204 -23.13 -9.26 -3.02
CA LYS A 204 -24.54 -9.58 -3.09
C LYS A 204 -24.87 -10.41 -4.34
N ALA A 205 -24.39 -9.97 -5.51
CA ALA A 205 -24.67 -10.69 -6.74
C ALA A 205 -24.00 -12.06 -6.75
N VAL A 206 -22.76 -12.15 -6.25
CA VAL A 206 -22.05 -13.42 -6.25
C VAL A 206 -22.77 -14.45 -5.39
N LYS A 207 -23.20 -14.05 -4.20
CA LYS A 207 -24.02 -14.93 -3.39
C LYS A 207 -25.36 -15.22 -4.05
N ARG A 208 -25.83 -14.29 -4.88
CA ARG A 208 -27.17 -14.42 -5.45
C ARG A 208 -27.24 -15.51 -6.53
N GLN A 209 -26.31 -15.49 -7.50
CA GLN A 209 -26.52 -16.35 -8.66
C GLN A 209 -26.44 -17.84 -8.36
N LEU A 210 -25.26 -18.31 -7.98
CA LEU A 210 -25.01 -19.75 -7.98
C LEU A 210 -25.52 -20.41 -6.71
N ASN A 313 -17.71 -22.22 -10.22
CA ASN A 313 -17.73 -21.41 -9.01
C ASN A 313 -16.48 -20.57 -8.89
N ARG A 314 -15.84 -20.27 -10.03
CA ARG A 314 -14.66 -19.41 -10.00
C ARG A 314 -14.99 -18.05 -9.42
N GLU A 315 -16.25 -17.63 -9.51
CA GLU A 315 -16.68 -16.38 -8.90
C GLU A 315 -16.47 -16.41 -7.39
N ARG A 316 -16.84 -17.51 -6.74
CA ARG A 316 -16.52 -17.63 -5.31
C ARG A 316 -15.12 -18.15 -5.08
N LYS A 317 -14.15 -17.66 -5.86
CA LYS A 317 -12.74 -17.69 -5.50
C LYS A 317 -12.14 -16.34 -5.84
N ALA A 318 -12.63 -15.72 -6.91
CA ALA A 318 -12.16 -14.39 -7.26
C ALA A 318 -12.74 -13.34 -6.33
N ALA A 319 -14.02 -13.48 -5.97
CA ALA A 319 -14.62 -12.60 -4.98
C ALA A 319 -13.94 -12.76 -3.62
N LYS A 320 -13.59 -13.99 -3.26
CA LYS A 320 -12.86 -14.19 -2.01
C LYS A 320 -11.46 -13.60 -2.06
N GLN A 321 -10.80 -13.67 -3.22
CA GLN A 321 -9.49 -13.05 -3.36
C GLN A 321 -9.58 -11.53 -3.18
N LEU A 322 -10.53 -10.91 -3.87
CA LEU A 322 -10.71 -9.46 -3.73
C LEU A 322 -11.11 -9.11 -2.30
N GLY A 323 -11.97 -9.92 -1.68
CA GLY A 323 -12.38 -9.65 -0.32
C GLY A 323 -11.25 -9.78 0.67
N PHE A 324 -10.36 -10.77 0.47
CA PHE A 324 -9.21 -10.90 1.36
C PHE A 324 -8.23 -9.76 1.17
N ILE A 325 -8.00 -9.31 -0.06
CA ILE A 325 -7.12 -8.16 -0.27
C ILE A 325 -7.69 -6.92 0.42
N MET A 326 -8.99 -6.69 0.23
CA MET A 326 -9.62 -5.53 0.86
C MET A 326 -9.66 -5.67 2.37
N ALA A 327 -9.85 -6.87 2.89
CA ALA A 327 -9.81 -7.08 4.33
C ALA A 327 -8.42 -6.76 4.87
N ALA A 328 -7.39 -7.31 4.22
CA ALA A 328 -6.00 -6.97 4.50
C ALA A 328 -5.83 -5.47 4.64
N PHE A 329 -6.20 -4.72 3.61
CA PHE A 329 -6.10 -3.26 3.70
C PHE A 329 -6.91 -2.62 4.85
N ILE A 330 -8.24 -2.71 4.77
CA ILE A 330 -9.12 -2.02 5.71
C ILE A 330 -8.94 -2.51 7.15
N LEU A 331 -8.21 -3.61 7.35
CA LEU A 331 -7.99 -4.14 8.68
C LEU A 331 -6.55 -4.07 9.15
N CYS A 332 -5.60 -3.76 8.27
CA CYS A 332 -4.20 -3.61 8.66
C CYS A 332 -3.68 -2.19 8.55
N TRP A 333 -4.36 -1.32 7.79
CA TRP A 333 -3.99 0.08 7.73
C TRP A 333 -4.85 0.97 8.61
N ILE A 334 -6.08 0.57 8.90
CA ILE A 334 -6.99 1.41 9.68
C ILE A 334 -6.51 1.58 11.12
N PRO A 335 -5.79 0.65 11.74
CA PRO A 335 -5.20 1.00 13.04
C PRO A 335 -4.23 2.16 12.94
N TYR A 336 -3.56 2.32 11.80
CA TYR A 336 -2.71 3.49 11.61
C TYR A 336 -3.53 4.75 11.39
N PHE A 337 -4.56 4.69 10.56
CA PHE A 337 -5.26 5.91 10.18
C PHE A 337 -6.17 6.43 11.28
N ILE A 338 -6.78 5.53 12.07
CA ILE A 338 -7.55 5.99 13.21
C ILE A 338 -6.65 6.73 14.19
N PHE A 339 -5.46 6.18 14.44
CA PHE A 339 -4.49 6.87 15.29
C PHE A 339 -4.04 8.18 14.66
N PHE A 340 -3.89 8.20 13.34
CA PHE A 340 -3.42 9.40 12.64
C PHE A 340 -4.43 10.53 12.75
N MET A 341 -5.72 10.22 12.67
CA MET A 341 -6.76 11.23 12.76
C MET A 341 -7.35 11.38 14.16
N VAL A 342 -6.81 10.67 15.16
CA VAL A 342 -7.12 11.03 16.54
C VAL A 342 -5.95 11.82 17.11
N ILE A 343 -4.76 11.61 16.54
CA ILE A 343 -3.59 12.37 16.98
C ILE A 343 -3.55 13.76 16.37
N ALA A 344 -4.31 13.99 15.29
CA ALA A 344 -4.35 15.31 14.68
C ALA A 344 -4.96 16.36 15.60
N PHE A 345 -5.68 15.94 16.64
CA PHE A 345 -6.28 16.84 17.60
C PHE A 345 -5.58 16.79 18.95
N CYS A 346 -5.37 15.59 19.49
CA CYS A 346 -4.68 15.44 20.77
C CYS A 346 -3.19 15.78 20.60
N LYS A 347 -2.73 16.79 21.34
CA LYS A 347 -1.36 17.26 21.26
C LYS A 347 -0.50 16.91 22.47
N ASN A 348 -1.11 16.55 23.59
CA ASN A 348 -0.41 15.93 24.71
C ASN A 348 -0.46 14.41 24.63
N CYS A 349 -0.46 13.89 23.40
CA CYS A 349 -0.96 12.56 23.06
C CYS A 349 -0.04 11.97 21.98
N CYS A 350 1.02 11.31 22.42
CA CYS A 350 2.13 10.95 21.53
C CYS A 350 2.70 9.57 21.89
N ASN A 351 1.84 8.56 22.04
CA ASN A 351 2.36 7.21 22.25
C ASN A 351 3.11 6.72 21.02
N GLU A 352 4.43 6.61 21.12
CA GLU A 352 5.24 6.19 20.00
C GLU A 352 5.12 4.70 19.72
N HIS A 353 4.89 3.89 20.76
CA HIS A 353 4.85 2.44 20.58
C HIS A 353 3.70 2.03 19.66
N LEU A 354 2.50 2.55 19.92
CA LEU A 354 1.34 2.18 19.12
C LEU A 354 1.47 2.67 17.68
N HIS A 355 1.99 3.88 17.50
CA HIS A 355 2.20 4.41 16.15
C HIS A 355 3.21 3.56 15.40
N MET A 356 4.32 3.22 16.05
CA MET A 356 5.38 2.46 15.43
C MET A 356 4.94 1.03 15.13
N PHE A 357 3.99 0.50 15.91
CA PHE A 357 3.45 -0.81 15.62
C PHE A 357 2.40 -0.78 14.52
N THR A 358 1.61 0.30 14.44
CA THR A 358 0.60 0.39 13.39
C THR A 358 1.24 0.58 12.01
N ILE A 359 2.31 1.37 11.94
CA ILE A 359 3.01 1.52 10.67
C ILE A 359 3.51 0.17 10.18
N TRP A 360 4.12 -0.60 11.07
CA TRP A 360 4.61 -1.91 10.68
C TRP A 360 3.48 -2.92 10.50
N LEU A 361 2.30 -2.67 11.07
CA LEU A 361 1.14 -3.48 10.72
C LEU A 361 0.74 -3.27 9.27
N GLY A 362 0.79 -2.02 8.81
CA GLY A 362 0.56 -1.76 7.39
C GLY A 362 1.63 -2.39 6.52
N TYR A 363 2.88 -2.36 6.99
CA TYR A 363 3.95 -3.00 6.23
C TYR A 363 3.78 -4.52 6.20
N ILE A 364 3.27 -5.10 7.30
CA ILE A 364 2.94 -6.52 7.32
C ILE A 364 1.83 -6.82 6.33
N ASN A 365 0.88 -5.90 6.17
CA ASN A 365 -0.12 -6.04 5.10
C ASN A 365 0.55 -6.11 3.73
N SER A 366 1.50 -5.20 3.49
CA SER A 366 2.24 -5.22 2.23
C SER A 366 2.91 -6.57 2.01
N THR A 367 3.44 -7.16 3.08
CA THR A 367 4.05 -8.48 2.98
C THR A 367 2.99 -9.59 2.79
N LEU A 368 1.82 -9.42 3.39
CA LEU A 368 0.80 -10.48 3.40
C LEU A 368 0.12 -10.63 2.05
N ASN A 369 -0.06 -9.55 1.30
CA ASN A 369 -0.71 -9.67 -0.01
C ASN A 369 -0.04 -10.73 -0.90
N PRO A 370 1.29 -10.78 -1.03
CA PRO A 370 1.90 -11.88 -1.79
C PRO A 370 1.63 -13.25 -1.20
N LEU A 371 1.30 -13.35 0.09
CA LEU A 371 0.78 -14.61 0.61
C LEU A 371 -0.70 -14.77 0.34
N ILE A 372 -1.43 -13.67 0.18
CA ILE A 372 -2.86 -13.74 -0.13
C ILE A 372 -3.07 -14.38 -1.49
N TYR A 373 -2.25 -14.02 -2.47
CA TYR A 373 -2.48 -14.54 -3.83
C TYR A 373 -2.42 -16.06 -3.92
N PRO A 374 -1.44 -16.77 -3.35
CA PRO A 374 -1.42 -18.24 -3.50
C PRO A 374 -2.68 -18.94 -3.00
N LEU A 375 -3.24 -18.50 -1.88
CA LEU A 375 -4.33 -19.21 -1.25
C LEU A 375 -5.70 -18.81 -1.79
N CYS A 376 -5.74 -18.06 -2.89
CA CYS A 376 -7.00 -17.69 -3.52
C CYS A 376 -7.08 -18.04 -5.00
N ASN A 377 -5.97 -18.40 -5.64
CA ASN A 377 -5.97 -18.79 -7.04
C ASN A 377 -5.20 -20.09 -7.20
N GLU A 378 -5.72 -21.00 -8.03
CA GLU A 378 -5.03 -22.26 -8.27
C GLU A 378 -3.85 -22.10 -9.23
N ASN A 379 -3.94 -21.16 -10.18
CA ASN A 379 -2.83 -20.94 -11.10
C ASN A 379 -1.60 -20.44 -10.37
N PHE A 380 -1.79 -19.52 -9.41
CA PHE A 380 -0.66 -18.99 -8.66
C PHE A 380 0.01 -20.08 -7.82
N LYS A 381 -0.77 -20.96 -7.20
CA LYS A 381 -0.17 -22.05 -6.44
C LYS A 381 0.44 -23.10 -7.37
N LYS A 382 -0.05 -23.20 -8.60
CA LYS A 382 0.53 -24.13 -9.56
C LYS A 382 1.86 -23.63 -10.08
N THR A 383 2.03 -22.31 -10.22
CA THR A 383 3.32 -21.75 -10.60
C THR A 383 4.21 -21.42 -9.41
N PHE A 384 3.71 -21.51 -8.18
CA PHE A 384 4.51 -21.38 -6.98
C PHE A 384 4.98 -22.71 -6.44
N LYS A 385 4.43 -23.81 -6.94
CA LYS A 385 4.80 -25.15 -6.51
C LYS A 385 6.11 -25.62 -7.11
N ARG A 386 6.69 -24.86 -8.03
CA ARG A 386 7.94 -25.24 -8.65
C ARG A 386 8.87 -24.04 -8.77
C1 XB7 B . 11.11 5.16 12.86
C10 XB7 B . 2.58 6.34 5.95
C11 XB7 B . 3.46 5.10 5.68
C12 XB7 B . 4.59 5.01 6.83
C13 XB7 B . 0.75 7.70 4.77
C14 XB7 B . -0.66 9.39 5.22
C15 XB7 B . -1.46 10.47 5.69
C16 XB7 B . -2.45 11.00 4.82
C17 XB7 B . -2.64 10.48 3.53
C18 XB7 B . -1.86 9.43 3.07
C19 XB7 B . -0.90 8.90 3.89
C2 XB7 B . 9.40 6.50 11.84
C20 XB7 B . 0.08 7.17 2.58
C21 XB7 B . -1.02 6.06 2.57
C22 XB7 B . -2.02 6.13 1.71
C23 XB7 B . -3.10 5.02 1.71
C24 XB7 B . -3.04 4.02 2.57
C25 XB7 B . -1.88 3.95 3.58
C26 XB7 B . -0.95 4.89 3.59
C27 XB7 B . 8.70 6.01 9.52
C28 XB7 B . 9.54 5.74 10.78
C3 XB7 B . 8.41 7.65 11.82
C4 XB7 B . 7.69 7.89 10.74
C5 XB7 B . 7.85 7.01 9.51
C6 XB7 B . 6.99 7.28 8.22
C7 XB7 B . 6.08 6.03 8.02
C8 XB7 B . 4.38 7.12 7.37
C9 XB7 B . 3.46 7.48 6.27
F1 XB7 B . -4.00 3.05 2.58
N1 XB7 B . 5.22 6.21 7.04
N2 XB7 B . 1.77 6.64 4.75
N3 XB7 B . 0.49 8.54 5.82
N4 XB7 B . -0.03 7.97 3.82
O1 XB7 B . 10.19 6.23 13.01
#